data_4FQS
#
_entry.id   4FQS
#
_cell.length_a   100.099
_cell.length_b   57.045
_cell.length_c   113.694
_cell.angle_alpha   90.000
_cell.angle_beta   107.950
_cell.angle_gamma   90.000
#
_symmetry.space_group_name_H-M   'C 1 2 1'
#
loop_
_entity.id
_entity.type
_entity.pdbx_description
1 polymer 'Thymidylate synthase'
2 non-polymer "2'-DEOXYURIDINE 5'-MONOPHOSPHATE"
3 non-polymer '2-{4-[2-(2-AMINO-4-OXO-4,7-DIHYDRO-3H-PYRROLO[2,3-D]PYRIMIDIN-5-YL)-ETHYL]-BENZOYLAMINO}-PENTANEDIOIC ACID'
4 water water
#
_entity_poly.entity_id   1
_entity_poly.type   'polypeptide(L)'
_entity_poly.pdbx_seq_one_letter_code
;MTPYEDLLRFVLETGTPKSDRTGTGTRSLFGQQMRYDLSAGFPLLTTKKVHFKSVAYELLWFLRGDSNIGWLHEHGVTIW
DEWASDTGELGPIYGVQWRSWPAPSGEHIDQISAALDLLRTDPDSRRIIVSAWNVGEIERMALPPCHAFFQFYVADGRLS
CQLYQRSADLFLGVPFNIASYALLTHMMAAQAGLSVGEFIWTGGDCHIYDNHVEQVRLQLSREPRPYPKLLLADRDSIFE
YTYEDIVVKNYDPHPAIKAPVAV
;
_entity_poly.pdbx_strand_id   A,B
#
# COMPACT_ATOMS: atom_id res chain seq x y z
N MET A 1 4.34 24.33 -5.16
CA MET A 1 3.85 23.01 -4.76
C MET A 1 4.72 21.91 -5.37
N THR A 2 5.69 21.41 -4.60
CA THR A 2 6.65 20.44 -5.13
C THR A 2 6.87 19.26 -4.18
N PRO A 3 5.86 18.38 -4.08
CA PRO A 3 5.97 17.23 -3.19
C PRO A 3 7.21 16.38 -3.49
N TYR A 4 7.52 16.20 -4.78
CA TYR A 4 8.63 15.34 -5.18
C TYR A 4 9.97 15.94 -4.75
N GLU A 5 10.21 17.19 -5.14
CA GLU A 5 11.46 17.84 -4.79
C GLU A 5 11.66 17.90 -3.28
N ASP A 6 10.57 18.13 -2.54
CA ASP A 6 10.65 18.17 -1.08
C ASP A 6 11.10 16.83 -0.50
N LEU A 7 10.53 15.74 -1.00
CA LEU A 7 10.90 14.41 -0.54
C LEU A 7 12.34 14.09 -0.92
N LEU A 8 12.69 14.41 -2.16
CA LEU A 8 14.04 14.20 -2.64
C LEU A 8 15.02 14.92 -1.72
N ARG A 9 14.69 16.17 -1.37
CA ARG A 9 15.52 16.95 -0.46
C ARG A 9 15.62 16.29 0.92
N PHE A 10 14.48 15.84 1.44
CA PHE A 10 14.39 15.24 2.76
C PHE A 10 15.21 13.96 2.87
N VAL A 11 15.15 13.13 1.84
CA VAL A 11 15.92 11.90 1.84
C VAL A 11 17.41 12.19 1.69
N LEU A 12 17.75 13.15 0.84
CA LEU A 12 19.15 13.50 0.65
C LEU A 12 19.75 13.96 1.97
N GLU A 13 19.01 14.76 2.72
CA GLU A 13 19.51 15.36 3.95
CA GLU A 13 19.53 15.36 3.95
C GLU A 13 19.41 14.46 5.18
N THR A 14 18.43 13.55 5.21
CA THR A 14 18.22 12.73 6.40
C THR A 14 18.25 11.20 6.20
N GLY A 15 18.31 10.77 4.95
CA GLY A 15 18.34 9.34 4.67
C GLY A 15 19.57 8.69 5.27
N THR A 16 19.45 7.40 5.58
CA THR A 16 20.54 6.62 6.15
C THR A 16 21.27 5.88 5.04
N PRO A 17 22.60 5.79 5.12
CA PRO A 17 23.38 5.00 4.17
C PRO A 17 22.98 3.53 4.23
N LYS A 18 22.77 2.91 3.07
CA LYS A 18 22.22 1.57 3.03
C LYS A 18 22.83 0.84 1.83
N SER A 19 23.18 -0.44 2.00
CA SER A 19 23.60 -1.23 0.85
CA SER A 19 23.60 -1.25 0.86
C SER A 19 22.36 -1.73 0.11
N ASP A 20 22.54 -2.18 -1.13
CA ASP A 20 21.38 -2.65 -1.89
C ASP A 20 21.71 -3.77 -2.87
N ARG A 21 20.66 -4.41 -3.37
CA ARG A 21 20.77 -5.51 -4.32
C ARG A 21 21.75 -5.23 -5.47
N THR A 22 21.69 -4.03 -6.03
CA THR A 22 22.48 -3.71 -7.22
C THR A 22 23.95 -3.51 -6.91
N GLY A 23 24.27 -3.41 -5.62
CA GLY A 23 25.64 -3.15 -5.21
C GLY A 23 26.08 -1.72 -5.44
N THR A 24 25.12 -0.81 -5.54
CA THR A 24 25.41 0.60 -5.83
C THR A 24 25.57 1.42 -4.56
N GLY A 25 24.73 1.14 -3.57
CA GLY A 25 24.70 1.94 -2.35
C GLY A 25 23.66 3.04 -2.48
N THR A 26 22.92 3.28 -1.40
CA THR A 26 21.87 4.31 -1.39
C THR A 26 21.86 5.08 -0.06
N ARG A 27 21.15 6.20 -0.05
CA ARG A 27 20.72 6.82 1.20
C ARG A 27 19.22 6.60 1.18
N SER A 28 18.65 6.19 2.31
CA SER A 28 17.28 5.70 2.26
C SER A 28 16.43 6.08 3.48
N LEU A 29 15.14 6.31 3.22
CA LEU A 29 14.13 6.41 4.28
C LEU A 29 12.98 5.48 3.95
N PHE A 30 12.17 5.15 4.96
CA PHE A 30 11.06 4.23 4.79
C PHE A 30 9.74 4.95 5.07
N GLY A 31 8.73 4.68 4.26
CA GLY A 31 7.36 5.10 4.54
C GLY A 31 7.14 6.58 4.35
N GLN A 32 7.38 7.09 3.14
CA GLN A 32 7.20 8.50 2.85
C GLN A 32 6.05 8.65 1.86
N GLN A 33 5.39 9.81 1.87
CA GLN A 33 4.22 10.00 1.02
C GLN A 33 4.24 11.34 0.28
N MET A 34 3.68 11.37 -0.93
CA MET A 34 3.52 12.61 -1.71
C MET A 34 2.06 12.71 -2.13
N ARG A 35 1.54 13.93 -2.20
CA ARG A 35 0.17 14.16 -2.70
C ARG A 35 0.17 15.22 -3.78
N TYR A 36 -0.50 14.94 -4.90
CA TYR A 36 -0.69 15.93 -5.95
C TYR A 36 -2.17 16.12 -6.25
N ASP A 37 -2.57 17.38 -6.38
CA ASP A 37 -3.92 17.69 -6.85
C ASP A 37 -3.89 17.73 -8.37
N LEU A 38 -4.37 16.67 -9.01
CA LEU A 38 -4.33 16.57 -10.46
C LEU A 38 -5.16 17.67 -11.15
N SER A 39 -6.15 18.22 -10.44
CA SER A 39 -7.00 19.25 -11.03
C SER A 39 -6.20 20.56 -11.20
N ALA A 40 -5.08 20.67 -10.48
CA ALA A 40 -4.26 21.88 -10.52
C ALA A 40 -3.23 21.89 -11.66
N GLY A 41 -2.92 20.71 -12.18
CA GLY A 41 -1.95 20.60 -13.26
C GLY A 41 -1.35 19.22 -13.29
N PHE A 42 -0.68 18.88 -14.38
CA PHE A 42 -0.16 17.54 -14.56
C PHE A 42 1.23 17.42 -13.97
N PRO A 43 1.43 16.46 -13.06
CA PRO A 43 2.70 16.43 -12.31
C PRO A 43 3.89 15.85 -13.08
N LEU A 44 4.19 16.44 -14.23
CA LEU A 44 5.41 16.13 -14.96
C LEU A 44 6.45 17.14 -14.50
N LEU A 45 7.50 16.66 -13.82
CA LEU A 45 8.45 17.56 -13.16
C LEU A 45 9.00 18.64 -14.08
N THR A 46 9.15 19.84 -13.54
CA THR A 46 9.75 20.92 -14.33
C THR A 46 11.18 21.26 -13.95
N THR A 47 11.68 20.65 -12.87
CA THR A 47 13.03 20.95 -12.41
C THR A 47 14.09 20.17 -13.20
N LYS A 48 13.63 19.26 -14.05
CA LYS A 48 14.46 18.64 -15.08
C LYS A 48 13.54 18.20 -16.20
N LYS A 49 14.07 18.09 -17.41
CA LYS A 49 13.26 17.62 -18.54
C LYS A 49 13.06 16.11 -18.43
N VAL A 50 11.82 15.69 -18.20
CA VAL A 50 11.50 14.28 -18.10
C VAL A 50 11.06 13.76 -19.46
N HIS A 51 11.59 12.61 -19.85
CA HIS A 51 11.28 12.02 -21.15
C HIS A 51 9.89 11.39 -21.13
N PHE A 52 8.88 12.24 -21.24
CA PHE A 52 7.50 11.78 -21.12
C PHE A 52 7.14 10.76 -22.20
N LYS A 53 7.78 10.85 -23.37
CA LYS A 53 7.57 9.84 -24.41
C LYS A 53 7.72 8.42 -23.86
N SER A 54 8.77 8.18 -23.08
CA SER A 54 8.99 6.87 -22.49
C SER A 54 7.95 6.54 -21.41
N VAL A 55 7.56 7.53 -20.63
CA VAL A 55 6.50 7.33 -19.64
C VAL A 55 5.21 6.89 -20.31
N ALA A 56 4.80 7.62 -21.34
CA ALA A 56 3.55 7.36 -22.04
C ALA A 56 3.55 5.97 -22.69
N TYR A 57 4.61 5.66 -23.42
CA TYR A 57 4.66 4.37 -24.07
C TYR A 57 4.74 3.22 -23.06
N GLU A 58 5.47 3.41 -21.97
CA GLU A 58 5.57 2.35 -20.98
C GLU A 58 4.16 2.04 -20.43
N LEU A 59 3.37 3.08 -20.17
CA LEU A 59 2.03 2.86 -19.65
C LEU A 59 1.14 2.17 -20.69
N LEU A 60 1.24 2.59 -21.95
CA LEU A 60 0.46 1.97 -23.02
C LEU A 60 0.82 0.48 -23.14
N TRP A 61 2.11 0.20 -22.97
CA TRP A 61 2.64 -1.16 -23.01
C TRP A 61 2.06 -1.99 -21.86
N PHE A 62 2.02 -1.42 -20.66
CA PHE A 62 1.37 -2.10 -19.52
C PHE A 62 -0.08 -2.42 -19.88
N LEU A 63 -0.78 -1.44 -20.42
CA LEU A 63 -2.21 -1.60 -20.75
C LEU A 63 -2.46 -2.65 -21.85
N ARG A 64 -1.47 -2.89 -22.71
CA ARG A 64 -1.54 -3.96 -23.70
C ARG A 64 -1.39 -5.34 -23.07
N GLY A 65 -0.91 -5.40 -21.84
CA GLY A 65 -0.70 -6.67 -21.18
C GLY A 65 0.56 -7.33 -21.68
N ASP A 66 1.48 -6.51 -22.17
CA ASP A 66 2.72 -6.99 -22.81
C ASP A 66 3.84 -7.07 -21.78
N SER A 67 4.72 -8.06 -21.93
CA SER A 67 5.88 -8.17 -21.05
C SER A 67 7.18 -8.35 -21.83
N ASN A 68 7.10 -8.18 -23.16
CA ASN A 68 8.29 -8.23 -24.02
C ASN A 68 8.62 -6.83 -24.49
N ILE A 69 9.89 -6.44 -24.45
CA ILE A 69 10.30 -5.07 -24.76
C ILE A 69 10.24 -4.72 -26.27
N GLY A 70 9.96 -5.70 -27.10
CA GLY A 70 9.89 -5.47 -28.55
C GLY A 70 9.04 -4.26 -28.94
N TRP A 71 7.82 -4.19 -28.40
CA TRP A 71 6.92 -3.08 -28.73
C TRP A 71 7.46 -1.74 -28.24
N LEU A 72 8.13 -1.74 -27.08
CA LEU A 72 8.78 -0.53 -26.59
C LEU A 72 9.87 -0.07 -27.58
N HIS A 73 10.70 -1.00 -28.02
CA HIS A 73 11.75 -0.67 -28.99
C HIS A 73 11.19 -0.11 -30.30
N GLU A 74 10.10 -0.69 -30.79
CA GLU A 74 9.53 -0.19 -32.04
C GLU A 74 9.14 1.27 -31.86
N HIS A 75 8.84 1.65 -30.63
CA HIS A 75 8.46 3.04 -30.35
C HIS A 75 9.58 3.86 -29.70
N GLY A 76 10.80 3.35 -29.77
CA GLY A 76 11.98 4.09 -29.37
C GLY A 76 12.19 4.22 -27.87
N VAL A 77 11.70 3.23 -27.12
CA VAL A 77 11.79 3.26 -25.66
C VAL A 77 12.69 2.13 -25.16
N THR A 78 13.73 2.50 -24.42
CA THR A 78 14.77 1.54 -24.02
C THR A 78 14.90 1.38 -22.50
N ILE A 79 13.94 1.91 -21.75
CA ILE A 79 14.05 1.92 -20.30
C ILE A 79 14.01 0.54 -19.64
N TRP A 80 13.54 -0.48 -20.36
CA TRP A 80 13.51 -1.82 -19.76
C TRP A 80 14.62 -2.76 -20.24
N ASP A 81 15.55 -2.24 -21.04
CA ASP A 81 16.54 -3.08 -21.71
C ASP A 81 17.39 -3.93 -20.75
N GLU A 82 17.78 -3.33 -19.63
CA GLU A 82 18.81 -3.93 -18.78
C GLU A 82 18.40 -5.22 -18.05
N TRP A 83 17.11 -5.50 -18.02
CA TRP A 83 16.60 -6.65 -17.27
C TRP A 83 15.98 -7.70 -18.16
N ALA A 84 15.90 -7.40 -19.46
CA ALA A 84 15.23 -8.29 -20.41
C ALA A 84 16.12 -9.47 -20.83
N SER A 85 15.49 -10.60 -21.15
CA SER A 85 16.22 -11.76 -21.67
C SER A 85 16.73 -11.45 -23.07
N ASP A 86 17.54 -12.33 -23.63
CA ASP A 86 18.02 -12.13 -25.00
C ASP A 86 16.88 -12.08 -26.02
N THR A 87 15.72 -12.63 -25.66
CA THR A 87 14.58 -12.60 -26.57
C THR A 87 13.64 -11.44 -26.26
N GLY A 88 14.01 -10.66 -25.23
CA GLY A 88 13.26 -9.47 -24.90
C GLY A 88 12.24 -9.68 -23.79
N GLU A 89 12.24 -10.87 -23.18
CA GLU A 89 11.21 -11.20 -22.19
C GLU A 89 11.54 -10.69 -20.80
N LEU A 90 10.51 -10.26 -20.08
CA LEU A 90 10.69 -9.81 -18.69
C LEU A 90 9.95 -10.68 -17.68
N GLY A 91 9.22 -11.68 -18.17
CA GLY A 91 8.38 -12.48 -17.30
C GLY A 91 7.08 -11.76 -17.05
N PRO A 92 6.22 -12.34 -16.21
CA PRO A 92 4.84 -11.84 -16.10
C PRO A 92 4.74 -10.61 -15.18
N ILE A 93 5.35 -9.51 -15.62
CA ILE A 93 5.36 -8.28 -14.82
C ILE A 93 4.08 -7.45 -14.94
N TYR A 94 4.16 -6.18 -14.57
CA TYR A 94 3.00 -5.30 -14.46
C TYR A 94 1.83 -5.58 -15.40
N GLY A 95 2.08 -5.40 -16.70
CA GLY A 95 1.03 -5.48 -17.71
C GLY A 95 0.28 -6.79 -17.67
N VAL A 96 1.04 -7.88 -17.51
CA VAL A 96 0.46 -9.21 -17.48
C VAL A 96 -0.46 -9.37 -16.27
N GLN A 97 -0.04 -8.86 -15.12
CA GLN A 97 -0.85 -8.98 -13.91
C GLN A 97 -2.08 -8.05 -13.97
N TRP A 98 -1.90 -6.84 -14.50
CA TRP A 98 -3.00 -5.90 -14.61
C TRP A 98 -4.15 -6.43 -15.49
N ARG A 99 -3.77 -7.04 -16.60
CA ARG A 99 -4.71 -7.41 -17.65
C ARG A 99 -5.10 -8.89 -17.63
N SER A 100 -4.27 -9.72 -17.02
CA SER A 100 -4.44 -11.18 -17.12
C SER A 100 -3.84 -11.98 -15.95
N TRP A 101 -4.22 -11.59 -14.74
CA TRP A 101 -3.82 -12.33 -13.55
C TRP A 101 -4.43 -13.73 -13.62
N PRO A 102 -3.57 -14.76 -13.63
CA PRO A 102 -4.07 -16.14 -13.75
C PRO A 102 -4.81 -16.59 -12.48
N ALA A 103 -6.12 -16.83 -12.60
CA ALA A 103 -6.92 -17.31 -11.48
C ALA A 103 -6.82 -18.84 -11.38
N PRO A 104 -7.01 -19.38 -10.17
CA PRO A 104 -6.80 -20.81 -9.93
C PRO A 104 -7.59 -21.70 -10.89
N SER A 105 -8.72 -21.18 -11.36
CA SER A 105 -9.59 -21.93 -12.26
C SER A 105 -9.09 -21.95 -13.69
N GLY A 106 -8.01 -21.23 -13.95
CA GLY A 106 -7.45 -21.14 -15.30
C GLY A 106 -7.97 -19.97 -16.11
N GLU A 107 -8.93 -19.22 -15.55
CA GLU A 107 -9.38 -17.99 -16.19
C GLU A 107 -8.35 -16.90 -15.91
N HIS A 108 -8.39 -15.83 -16.69
CA HIS A 108 -7.48 -14.70 -16.47
C HIS A 108 -8.26 -13.44 -16.09
N ILE A 109 -7.83 -12.81 -15.01
CA ILE A 109 -8.55 -11.66 -14.47
C ILE A 109 -7.99 -10.33 -14.99
N ASP A 110 -8.87 -9.56 -15.64
CA ASP A 110 -8.51 -8.24 -16.15
C ASP A 110 -8.85 -7.19 -15.11
N GLN A 111 -7.88 -6.83 -14.28
CA GLN A 111 -8.15 -5.94 -13.14
C GLN A 111 -8.46 -4.53 -13.58
N ILE A 112 -7.90 -4.11 -14.71
CA ILE A 112 -8.13 -2.76 -15.20
C ILE A 112 -9.61 -2.60 -15.60
N SER A 113 -10.10 -3.53 -16.41
CA SER A 113 -11.51 -3.51 -16.79
C SER A 113 -12.42 -3.65 -15.57
N ALA A 114 -12.05 -4.51 -14.64
CA ALA A 114 -12.84 -4.70 -13.42
C ALA A 114 -12.93 -3.40 -12.61
N ALA A 115 -11.80 -2.69 -12.50
CA ALA A 115 -11.77 -1.42 -11.78
C ALA A 115 -12.65 -0.38 -12.44
N LEU A 116 -12.60 -0.33 -13.76
CA LEU A 116 -13.41 0.61 -14.52
C LEU A 116 -14.91 0.34 -14.35
N ASP A 117 -15.27 -0.94 -14.36
CA ASP A 117 -16.65 -1.33 -14.11
CA ASP A 117 -16.66 -1.35 -14.09
C ASP A 117 -17.13 -0.83 -12.75
N LEU A 118 -16.28 -0.96 -11.73
CA LEU A 118 -16.67 -0.46 -10.41
C LEU A 118 -16.81 1.06 -10.39
N LEU A 119 -15.89 1.76 -11.05
CA LEU A 119 -15.96 3.22 -11.08
C LEU A 119 -17.27 3.68 -11.70
N ARG A 120 -17.73 2.96 -12.71
CA ARG A 120 -18.95 3.33 -13.41
C ARG A 120 -20.23 2.95 -12.67
N THR A 121 -20.21 1.81 -11.99
CA THR A 121 -21.42 1.23 -11.43
C THR A 121 -21.48 1.20 -9.90
N ASP A 122 -20.33 1.28 -9.24
CA ASP A 122 -20.29 1.29 -7.78
C ASP A 122 -19.14 2.16 -7.27
N PRO A 123 -19.20 3.47 -7.56
CA PRO A 123 -18.10 4.39 -7.27
C PRO A 123 -17.74 4.49 -5.79
N ASP A 124 -18.68 4.14 -4.91
CA ASP A 124 -18.40 4.18 -3.48
C ASP A 124 -17.75 2.90 -2.94
N SER A 125 -17.53 1.92 -3.80
CA SER A 125 -16.86 0.70 -3.40
C SER A 125 -15.50 1.01 -2.79
N ARG A 126 -15.13 0.25 -1.77
CA ARG A 126 -13.83 0.41 -1.13
C ARG A 126 -12.89 -0.69 -1.62
N ARG A 127 -13.29 -1.33 -2.72
CA ARG A 127 -12.58 -2.50 -3.26
C ARG A 127 -12.03 -2.27 -4.66
N ILE A 128 -11.91 -1.01 -5.06
CA ILE A 128 -11.44 -0.71 -6.42
C ILE A 128 -9.92 -0.75 -6.44
N ILE A 129 -9.40 -1.96 -6.62
CA ILE A 129 -8.00 -2.28 -6.36
C ILE A 129 -7.38 -2.98 -7.57
N VAL A 130 -6.13 -2.67 -7.83
CA VAL A 130 -5.35 -3.39 -8.82
C VAL A 130 -4.05 -3.77 -8.15
N SER A 131 -3.66 -5.04 -8.26
CA SER A 131 -2.39 -5.48 -7.69
C SER A 131 -1.50 -6.15 -8.73
N ALA A 132 -0.23 -5.79 -8.74
CA ALA A 132 0.75 -6.48 -9.58
C ALA A 132 1.51 -7.51 -8.76
N TRP A 133 1.27 -7.53 -7.45
CA TRP A 133 2.06 -8.39 -6.56
C TRP A 133 1.47 -9.80 -6.51
N ASN A 134 1.73 -10.56 -7.56
CA ASN A 134 1.28 -11.94 -7.65
C ASN A 134 2.34 -12.85 -7.04
N VAL A 135 2.13 -13.20 -5.77
CA VAL A 135 3.14 -13.90 -4.98
C VAL A 135 3.67 -15.16 -5.65
N GLY A 136 2.77 -15.89 -6.29
CA GLY A 136 3.14 -17.15 -6.94
C GLY A 136 3.90 -17.01 -8.24
N GLU A 137 3.98 -15.78 -8.76
CA GLU A 137 4.66 -15.52 -10.03
C GLU A 137 5.88 -14.60 -9.91
N ILE A 138 6.12 -14.06 -8.71
CA ILE A 138 7.23 -13.15 -8.49
C ILE A 138 8.57 -13.71 -9.00
N GLU A 139 8.80 -14.99 -8.71
CA GLU A 139 10.08 -15.62 -9.04
C GLU A 139 10.35 -15.65 -10.56
N ARG A 140 9.29 -15.58 -11.36
CA ARG A 140 9.41 -15.60 -12.82
C ARG A 140 9.65 -14.22 -13.43
N MET A 141 9.54 -13.17 -12.62
CA MET A 141 9.67 -11.80 -13.08
C MET A 141 11.13 -11.34 -13.06
N ALA A 142 11.53 -10.58 -14.08
CA ALA A 142 12.90 -10.05 -14.12
C ALA A 142 13.17 -9.17 -12.89
N LEU A 143 12.18 -8.36 -12.53
CA LEU A 143 12.20 -7.57 -11.29
C LEU A 143 10.80 -7.65 -10.68
N PRO A 144 10.71 -7.84 -9.37
CA PRO A 144 9.38 -7.79 -8.75
C PRO A 144 8.80 -6.39 -8.90
N PRO A 145 7.46 -6.28 -8.93
CA PRO A 145 6.84 -4.96 -9.12
C PRO A 145 7.31 -3.95 -8.07
N CYS A 146 7.69 -2.77 -8.53
CA CYS A 146 8.00 -1.65 -7.64
C CYS A 146 6.72 -0.93 -7.29
N HIS A 147 6.04 -0.41 -8.31
CA HIS A 147 4.69 0.14 -8.12
C HIS A 147 3.73 -1.05 -8.09
N ALA A 148 3.36 -1.47 -6.87
CA ALA A 148 2.86 -2.84 -6.67
C ALA A 148 1.37 -2.99 -6.49
N PHE A 149 0.73 -1.96 -5.96
CA PHE A 149 -0.63 -2.09 -5.45
C PHE A 149 -1.24 -0.71 -5.52
N PHE A 150 -2.38 -0.57 -6.20
CA PHE A 150 -3.05 0.74 -6.19
C PHE A 150 -4.57 0.67 -6.06
N GLN A 151 -5.16 1.81 -5.70
CA GLN A 151 -6.57 1.87 -5.35
C GLN A 151 -7.17 3.17 -5.89
N PHE A 152 -8.41 3.09 -6.35
CA PHE A 152 -9.13 4.28 -6.79
C PHE A 152 -10.23 4.62 -5.80
N TYR A 153 -10.64 5.88 -5.82
CA TYR A 153 -11.63 6.41 -4.88
C TYR A 153 -12.38 7.52 -5.59
N VAL A 154 -13.68 7.64 -5.29
CA VAL A 154 -14.49 8.64 -5.97
C VAL A 154 -15.26 9.49 -4.98
N ALA A 155 -15.15 10.81 -5.12
CA ALA A 155 -15.87 11.74 -4.27
C ALA A 155 -16.41 12.89 -5.12
N ASP A 156 -17.71 13.11 -5.06
CA ASP A 156 -18.32 14.18 -5.85
C ASP A 156 -17.83 14.18 -7.30
N GLY A 157 -17.89 13.01 -7.93
CA GLY A 157 -17.56 12.87 -9.33
C GLY A 157 -16.09 13.09 -9.66
N ARG A 158 -15.24 13.03 -8.65
CA ARG A 158 -13.80 13.24 -8.80
C ARG A 158 -13.03 11.96 -8.48
N LEU A 159 -12.13 11.55 -9.38
CA LEU A 159 -11.39 10.29 -9.21
C LEU A 159 -10.04 10.51 -8.56
N SER A 160 -9.80 9.85 -7.43
CA SER A 160 -8.46 9.85 -6.84
C SER A 160 -7.82 8.47 -6.98
N CYS A 161 -6.50 8.43 -6.88
CA CYS A 161 -5.73 7.20 -7.00
C CYS A 161 -4.63 7.23 -5.96
N GLN A 162 -4.46 6.12 -5.26
CA GLN A 162 -3.33 5.97 -4.35
C GLN A 162 -2.50 4.76 -4.74
N LEU A 163 -1.20 4.94 -4.84
CA LEU A 163 -0.29 3.86 -5.19
C LEU A 163 0.59 3.51 -4.00
N TYR A 164 0.75 2.21 -3.75
CA TYR A 164 1.82 1.75 -2.84
C TYR A 164 3.00 1.29 -3.69
N GLN A 165 4.14 1.96 -3.52
CA GLN A 165 5.35 1.61 -4.25
C GLN A 165 6.39 1.12 -3.25
N ARG A 166 6.72 -0.18 -3.29
CA ARG A 166 7.59 -0.79 -2.26
C ARG A 166 9.04 -0.31 -2.32
N SER A 167 9.45 0.16 -3.49
CA SER A 167 10.85 0.48 -3.73
C SER A 167 10.91 1.61 -4.73
N ALA A 168 11.63 2.67 -4.38
CA ALA A 168 11.54 3.92 -5.11
C ALA A 168 12.93 4.50 -5.38
N ASP A 169 13.38 4.34 -6.63
CA ASP A 169 14.59 4.99 -7.11
C ASP A 169 14.22 6.45 -7.31
N LEU A 170 14.57 7.29 -6.34
CA LEU A 170 14.01 8.64 -6.30
C LEU A 170 14.40 9.51 -7.49
N PHE A 171 15.66 9.46 -7.89
CA PHE A 171 16.08 10.28 -9.03
C PHE A 171 15.56 9.80 -10.39
N LEU A 172 15.73 8.52 -10.70
CA LEU A 172 15.34 8.04 -12.02
C LEU A 172 13.91 7.54 -12.13
N GLY A 173 13.53 6.67 -11.20
CA GLY A 173 12.27 5.95 -11.34
C GLY A 173 11.04 6.76 -10.97
N VAL A 174 11.11 7.46 -9.85
CA VAL A 174 9.92 8.09 -9.27
C VAL A 174 9.29 9.18 -10.18
N PRO A 175 10.12 10.00 -10.85
CA PRO A 175 9.52 10.97 -11.77
C PRO A 175 8.69 10.27 -12.84
N PHE A 176 9.16 9.13 -13.32
CA PHE A 176 8.36 8.31 -14.23
C PHE A 176 7.09 7.79 -13.56
N ASN A 177 7.23 7.21 -12.37
CA ASN A 177 6.10 6.64 -11.65
C ASN A 177 4.97 7.65 -11.39
N ILE A 178 5.34 8.86 -10.97
CA ILE A 178 4.35 9.89 -10.70
C ILE A 178 3.59 10.25 -11.98
N ALA A 179 4.33 10.50 -13.06
CA ALA A 179 3.68 10.88 -14.31
C ALA A 179 2.85 9.73 -14.89
N SER A 180 3.34 8.51 -14.73
CA SER A 180 2.64 7.33 -15.24
C SER A 180 1.28 7.17 -14.57
N TYR A 181 1.25 7.23 -13.24
CA TYR A 181 0.01 7.03 -12.51
C TYR A 181 -0.93 8.24 -12.64
N ALA A 182 -0.37 9.43 -12.81
CA ALA A 182 -1.21 10.59 -13.10
C ALA A 182 -1.91 10.41 -14.45
N LEU A 183 -1.16 9.95 -15.44
CA LEU A 183 -1.70 9.71 -16.77
C LEU A 183 -2.78 8.61 -16.71
N LEU A 184 -2.48 7.51 -16.01
CA LEU A 184 -3.45 6.43 -15.83
C LEU A 184 -4.73 6.95 -15.19
N THR A 185 -4.59 7.82 -14.21
CA THR A 185 -5.76 8.37 -13.52
C THR A 185 -6.63 9.23 -14.45
N HIS A 186 -5.98 10.03 -15.30
CA HIS A 186 -6.71 10.77 -16.33
C HIS A 186 -7.44 9.84 -17.28
N MET A 187 -6.76 8.77 -17.71
CA MET A 187 -7.40 7.78 -18.57
C MET A 187 -8.63 7.12 -17.93
N MET A 188 -8.46 6.63 -16.70
CA MET A 188 -9.56 5.98 -16.01
C MET A 188 -10.71 6.95 -15.76
N ALA A 189 -10.39 8.20 -15.43
CA ALA A 189 -11.40 9.21 -15.18
C ALA A 189 -12.19 9.48 -16.46
N ALA A 190 -11.47 9.65 -17.57
CA ALA A 190 -12.10 9.89 -18.86
C ALA A 190 -13.08 8.78 -19.22
N GLN A 191 -12.66 7.53 -18.98
CA GLN A 191 -13.47 6.39 -19.35
C GLN A 191 -14.66 6.18 -18.41
N ALA A 192 -14.56 6.70 -17.19
CA ALA A 192 -15.62 6.53 -16.20
C ALA A 192 -16.55 7.74 -16.10
N GLY A 193 -16.28 8.76 -16.90
CA GLY A 193 -17.07 9.99 -16.87
C GLY A 193 -16.85 10.84 -15.64
N LEU A 194 -15.63 10.79 -15.10
CA LEU A 194 -15.28 11.52 -13.89
C LEU A 194 -14.25 12.61 -14.18
N SER A 195 -14.13 13.56 -13.26
CA SER A 195 -13.03 14.53 -13.30
C SER A 195 -11.86 13.97 -12.46
N VAL A 196 -10.68 14.58 -12.56
CA VAL A 196 -9.54 14.07 -11.79
C VAL A 196 -9.41 14.72 -10.41
N GLY A 197 -9.03 13.92 -9.43
CA GLY A 197 -8.88 14.39 -8.07
C GLY A 197 -7.43 14.37 -7.63
N GLU A 198 -7.13 13.57 -6.61
CA GLU A 198 -5.78 13.53 -6.06
C GLU A 198 -5.04 12.28 -6.46
N PHE A 199 -3.73 12.41 -6.68
CA PHE A 199 -2.85 11.26 -6.72
C PHE A 199 -2.02 11.22 -5.45
N ILE A 200 -2.12 10.12 -4.71
CA ILE A 200 -1.35 9.94 -3.50
C ILE A 200 -0.33 8.84 -3.75
N TRP A 201 0.94 9.19 -3.57
CA TRP A 201 2.04 8.26 -3.73
C TRP A 201 2.57 7.89 -2.36
N THR A 202 2.57 6.60 -2.06
CA THR A 202 3.05 6.11 -0.77
C THR A 202 4.19 5.14 -1.03
N GLY A 203 5.37 5.46 -0.48
CA GLY A 203 6.56 4.68 -0.75
C GLY A 203 7.03 3.84 0.42
N GLY A 204 7.61 2.68 0.11
CA GLY A 204 8.33 1.87 1.07
C GLY A 204 9.77 2.35 1.22
N ASP A 205 10.72 1.59 0.66
CA ASP A 205 12.12 2.02 0.66
C ASP A 205 12.33 3.13 -0.37
N CYS A 206 12.44 4.37 0.12
CA CYS A 206 12.62 5.53 -0.71
C CYS A 206 14.10 5.92 -0.69
N HIS A 207 14.78 5.75 -1.82
CA HIS A 207 16.23 5.85 -1.83
C HIS A 207 16.79 6.71 -2.95
N ILE A 208 17.92 7.34 -2.66
CA ILE A 208 18.70 8.02 -3.68
C ILE A 208 19.98 7.21 -3.88
N TYR A 209 20.22 6.74 -5.09
CA TYR A 209 21.43 5.99 -5.36
C TYR A 209 22.68 6.86 -5.16
N ASP A 210 23.74 6.26 -4.64
CA ASP A 210 24.95 7.01 -4.30
C ASP A 210 25.61 7.69 -5.50
N ASN A 211 25.38 7.16 -6.71
CA ASN A 211 25.91 7.78 -7.92
C ASN A 211 24.88 8.73 -8.59
N HIS A 212 23.87 9.17 -7.84
CA HIS A 212 22.88 10.16 -8.33
C HIS A 212 22.96 11.44 -7.52
N VAL A 213 23.87 11.49 -6.55
CA VAL A 213 23.90 12.62 -5.61
C VAL A 213 24.18 13.99 -6.27
N GLU A 214 25.13 14.03 -7.20
CA GLU A 214 25.42 15.29 -7.89
CA GLU A 214 25.42 15.28 -7.89
C GLU A 214 24.23 15.76 -8.72
N GLN A 215 23.57 14.82 -9.37
CA GLN A 215 22.41 15.13 -10.20
C GLN A 215 21.27 15.66 -9.33
N VAL A 216 21.09 15.05 -8.16
CA VAL A 216 20.05 15.48 -7.23
C VAL A 216 20.32 16.90 -6.74
N ARG A 217 21.55 17.18 -6.34
CA ARG A 217 21.88 18.52 -5.86
C ARG A 217 21.64 19.56 -6.95
N LEU A 218 22.01 19.24 -8.18
CA LEU A 218 21.78 20.15 -9.32
C LEU A 218 20.29 20.42 -9.48
N GLN A 219 19.49 19.35 -9.47
CA GLN A 219 18.06 19.51 -9.63
C GLN A 219 17.44 20.35 -8.51
N LEU A 220 17.93 20.17 -7.28
CA LEU A 220 17.34 20.84 -6.12
C LEU A 220 17.73 22.32 -6.08
N SER A 221 18.67 22.72 -6.92
CA SER A 221 19.07 24.13 -6.99
C SER A 221 18.17 24.93 -7.93
N ARG A 222 17.26 24.25 -8.62
CA ARG A 222 16.46 24.89 -9.66
C ARG A 222 15.08 25.31 -9.18
N GLU A 223 14.62 26.45 -9.67
CA GLU A 223 13.31 26.96 -9.28
C GLU A 223 12.20 26.29 -10.09
N PRO A 224 11.19 25.70 -9.40
CA PRO A 224 10.06 25.06 -10.09
C PRO A 224 9.27 26.03 -10.95
N ARG A 225 8.71 25.51 -12.04
CA ARG A 225 7.89 26.30 -12.94
C ARG A 225 6.47 25.75 -12.95
N PRO A 226 5.51 26.48 -13.54
CA PRO A 226 4.16 25.93 -13.55
C PRO A 226 4.10 24.57 -14.26
N TYR A 227 3.23 23.70 -13.78
CA TYR A 227 3.03 22.41 -14.43
C TYR A 227 2.29 22.54 -15.75
N PRO A 228 2.54 21.60 -16.67
CA PRO A 228 1.82 21.53 -17.93
C PRO A 228 0.39 21.03 -17.70
N LYS A 229 -0.43 21.02 -18.74
CA LYS A 229 -1.77 20.47 -18.65
C LYS A 229 -1.82 19.25 -19.55
N LEU A 230 -2.56 18.22 -19.13
CA LEU A 230 -2.73 17.03 -19.94
C LEU A 230 -4.04 17.08 -20.72
N LEU A 231 -3.95 16.86 -22.02
CA LEU A 231 -5.15 16.79 -22.86
C LEU A 231 -5.20 15.41 -23.50
N LEU A 232 -6.33 14.73 -23.33
CA LEU A 232 -6.49 13.37 -23.79
C LEU A 232 -7.60 13.31 -24.84
N ALA A 233 -7.29 12.83 -26.04
CA ALA A 233 -8.30 12.72 -27.09
C ALA A 233 -9.36 11.69 -26.70
N ASP A 234 -10.56 11.80 -27.28
CA ASP A 234 -11.63 10.87 -26.99
C ASP A 234 -11.39 9.46 -27.54
N ARG A 235 -11.66 8.46 -26.71
CA ARG A 235 -11.66 7.07 -27.14
C ARG A 235 -12.79 6.34 -26.44
N ASP A 236 -13.25 5.24 -27.03
CA ASP A 236 -14.35 4.47 -26.46
C ASP A 236 -13.88 3.43 -25.45
N SER A 237 -12.56 3.25 -25.36
CA SER A 237 -11.99 2.25 -24.47
C SER A 237 -10.61 2.70 -24.03
N ILE A 238 -10.25 2.38 -22.80
CA ILE A 238 -8.90 2.72 -22.33
C ILE A 238 -7.84 1.97 -23.16
N PHE A 239 -8.21 0.79 -23.66
CA PHE A 239 -7.25 0.00 -24.44
C PHE A 239 -7.08 0.51 -25.88
N GLU A 240 -7.86 1.53 -26.25
CA GLU A 240 -7.76 2.16 -27.55
C GLU A 240 -6.94 3.47 -27.58
N TYR A 241 -6.52 3.96 -26.41
CA TYR A 241 -5.67 5.14 -26.43
C TYR A 241 -4.37 4.84 -27.15
N THR A 242 -3.90 5.81 -27.91
CA THR A 242 -2.59 5.72 -28.56
C THR A 242 -1.71 6.85 -28.07
N TYR A 243 -0.41 6.78 -28.37
CA TYR A 243 0.49 7.85 -27.98
C TYR A 243 0.00 9.19 -28.51
N GLU A 244 -0.55 9.18 -29.73
CA GLU A 244 -0.95 10.43 -30.37
C GLU A 244 -2.16 11.07 -29.71
N ASP A 245 -2.90 10.30 -28.92
CA ASP A 245 -4.04 10.82 -28.17
C ASP A 245 -3.60 11.63 -26.98
N ILE A 246 -2.33 11.54 -26.62
CA ILE A 246 -1.84 12.13 -25.36
C ILE A 246 -1.04 13.40 -25.61
N VAL A 247 -1.59 14.53 -25.19
CA VAL A 247 -0.94 15.80 -25.44
C VAL A 247 -0.61 16.52 -24.15
N VAL A 248 0.67 16.84 -23.98
CA VAL A 248 1.08 17.63 -22.83
C VAL A 248 1.26 19.08 -23.27
N LYS A 249 0.47 19.98 -22.68
CA LYS A 249 0.44 21.38 -23.10
C LYS A 249 1.29 22.26 -22.19
N ASN A 250 2.09 23.14 -22.78
CA ASN A 250 2.92 24.08 -22.02
C ASN A 250 3.86 23.44 -20.98
N TYR A 251 4.54 22.39 -21.40
CA TYR A 251 5.60 21.79 -20.57
C TYR A 251 6.86 22.59 -20.83
N ASP A 252 7.36 23.25 -19.79
CA ASP A 252 8.50 24.15 -19.89
C ASP A 252 9.58 23.80 -18.86
N PRO A 253 10.26 22.65 -19.03
CA PRO A 253 11.20 22.20 -18.00
C PRO A 253 12.58 22.85 -18.09
N HIS A 254 13.29 22.84 -16.96
CA HIS A 254 14.74 23.03 -16.95
C HIS A 254 15.40 21.90 -17.75
N PRO A 255 16.70 22.02 -18.00
CA PRO A 255 17.40 21.02 -18.81
C PRO A 255 17.38 19.59 -18.25
N ALA A 256 17.40 18.60 -19.13
CA ALA A 256 17.54 17.21 -18.74
C ALA A 256 18.81 17.00 -17.91
N ILE A 257 18.76 16.04 -16.99
CA ILE A 257 19.94 15.72 -16.18
C ILE A 257 20.18 14.22 -16.29
N LYS A 258 21.30 13.83 -16.87
CA LYS A 258 21.56 12.41 -17.11
C LYS A 258 22.09 11.71 -15.86
N ALA A 259 21.67 10.46 -15.64
CA ALA A 259 22.24 9.63 -14.58
C ALA A 259 22.13 8.16 -14.97
N PRO A 260 23.09 7.33 -14.53
CA PRO A 260 23.08 5.92 -14.90
C PRO A 260 22.13 5.12 -14.02
N VAL A 261 21.46 4.13 -14.60
CA VAL A 261 20.51 3.30 -13.85
C VAL A 261 21.22 2.16 -13.14
N ALA A 262 20.78 1.84 -11.92
CA ALA A 262 21.33 0.73 -11.15
C ALA A 262 20.69 -0.58 -11.59
N VAL A 263 21.51 -1.55 -11.97
CA VAL A 263 21.00 -2.78 -12.58
C VAL A 263 20.88 -3.95 -11.59
N MET B 1 1.19 12.20 22.10
CA MET B 1 1.46 11.62 20.78
C MET B 1 0.32 10.69 20.37
N THR B 2 -0.63 11.21 19.60
CA THR B 2 -1.87 10.48 19.29
C THR B 2 -2.22 10.53 17.80
N PRO B 3 -1.47 9.80 16.97
CA PRO B 3 -1.71 9.76 15.53
C PRO B 3 -3.13 9.32 15.21
N TYR B 4 -3.60 8.29 15.93
CA TYR B 4 -4.94 7.76 15.69
C TYR B 4 -6.02 8.79 16.01
N GLU B 5 -6.01 9.30 17.23
CA GLU B 5 -7.00 10.30 17.62
C GLU B 5 -6.99 11.52 16.68
N ASP B 6 -5.81 11.95 16.26
CA ASP B 6 -5.72 13.10 15.34
C ASP B 6 -6.41 12.80 14.00
N LEU B 7 -6.17 11.59 13.46
CA LEU B 7 -6.81 11.19 12.21
C LEU B 7 -8.32 11.05 12.37
N LEU B 8 -8.73 10.40 13.46
CA LEU B 8 -10.14 10.29 13.80
C LEU B 8 -10.79 11.67 13.82
N ARG B 9 -10.12 12.62 14.47
CA ARG B 9 -10.64 13.98 14.55
C ARG B 9 -10.73 14.65 13.17
N PHE B 10 -9.70 14.44 12.36
CA PHE B 10 -9.64 15.02 11.02
C PHE B 10 -10.76 14.49 10.13
N VAL B 11 -11.01 13.19 10.20
CA VAL B 11 -12.07 12.60 9.39
C VAL B 11 -13.44 13.03 9.91
N LEU B 12 -13.57 13.13 11.23
CA LEU B 12 -14.84 13.59 11.78
C LEU B 12 -15.17 14.99 11.27
N GLU B 13 -14.19 15.89 11.29
CA GLU B 13 -14.41 17.28 10.92
C GLU B 13 -14.46 17.54 9.43
N THR B 14 -13.71 16.76 8.63
CA THR B 14 -13.57 17.07 7.21
C THR B 14 -13.95 15.96 6.23
N GLY B 15 -14.24 14.77 6.73
CA GLY B 15 -14.64 13.66 5.89
C GLY B 15 -15.93 13.99 5.14
N THR B 16 -16.09 13.45 3.96
CA THR B 16 -17.30 13.72 3.21
CA THR B 16 -17.27 13.69 3.13
C THR B 16 -18.29 12.58 3.34
N PRO B 17 -19.59 12.93 3.33
CA PRO B 17 -20.65 11.91 3.45
C PRO B 17 -20.60 10.96 2.27
N LYS B 18 -20.64 9.66 2.56
CA LYS B 18 -20.45 8.67 1.53
C LYS B 18 -21.37 7.50 1.84
N SER B 19 -21.99 6.91 0.81
CA SER B 19 -22.72 5.68 1.02
CA SER B 19 -22.74 5.67 0.98
C SER B 19 -21.74 4.52 0.97
N ASP B 20 -22.15 3.37 1.48
CA ASP B 20 -21.23 2.24 1.51
C ASP B 20 -21.94 0.89 1.35
N ARG B 21 -21.15 -0.13 1.08
CA ARG B 21 -21.66 -1.48 0.87
C ARG B 21 -22.66 -1.93 1.94
N THR B 22 -22.34 -1.66 3.21
CA THR B 22 -23.16 -2.14 4.33
C THR B 22 -24.50 -1.41 4.44
N GLY B 23 -24.61 -0.28 3.75
CA GLY B 23 -25.81 0.52 3.82
C GLY B 23 -25.91 1.37 5.08
N THR B 24 -24.80 1.52 5.80
CA THR B 24 -24.80 2.21 7.08
C THR B 24 -24.63 3.72 6.91
N GLY B 25 -23.79 4.11 5.96
CA GLY B 25 -23.45 5.50 5.76
C GLY B 25 -22.16 5.81 6.50
N THR B 26 -21.27 6.56 5.85
CA THR B 26 -20.01 6.95 6.48
C THR B 26 -19.69 8.41 6.18
N ARG B 27 -18.69 8.90 6.90
CA ARG B 27 -17.95 10.11 6.56
C ARG B 27 -16.57 9.57 6.19
N SER B 28 -15.95 10.04 5.11
CA SER B 28 -14.74 9.38 4.62
CA SER B 28 -14.69 9.41 4.70
C SER B 28 -13.70 10.35 4.01
N LEU B 29 -12.43 9.98 4.15
CA LEU B 29 -11.31 10.61 3.44
C LEU B 29 -10.47 9.49 2.84
N PHE B 30 -9.62 9.85 1.87
CA PHE B 30 -8.81 8.87 1.15
C PHE B 30 -7.34 9.20 1.34
N GLY B 31 -6.52 8.17 1.55
CA GLY B 31 -5.08 8.33 1.57
C GLY B 31 -4.57 9.09 2.78
N GLN B 32 -4.80 8.54 3.96
CA GLN B 32 -4.36 9.16 5.21
C GLN B 32 -3.32 8.23 5.85
N GLN B 33 -2.40 8.79 6.61
CA GLN B 33 -1.33 7.99 7.18
C GLN B 33 -1.14 8.28 8.67
N MET B 34 -0.70 7.27 9.42
CA MET B 34 -0.33 7.44 10.84
C MET B 34 1.05 6.84 11.00
N ARG B 35 1.86 7.39 11.90
CA ARG B 35 3.16 6.81 12.26
C ARG B 35 3.30 6.65 13.76
N TYR B 36 3.73 5.47 14.19
CA TYR B 36 4.07 5.23 15.60
C TYR B 36 5.52 4.81 15.77
N ASP B 37 6.20 5.41 16.73
CA ASP B 37 7.53 4.95 17.12
C ASP B 37 7.35 3.82 18.13
N LEU B 38 7.47 2.57 17.69
CA LEU B 38 7.23 1.43 18.58
C LEU B 38 8.18 1.39 19.77
N SER B 39 9.34 2.03 19.61
CA SER B 39 10.32 2.06 20.69
C SER B 39 9.86 2.96 21.86
N ALA B 40 8.89 3.83 21.59
CA ALA B 40 8.38 4.74 22.60
C ALA B 40 7.31 4.10 23.49
N GLY B 41 6.70 3.03 23.01
CA GLY B 41 5.62 2.39 23.74
C GLY B 41 4.70 1.66 22.79
N PHE B 42 3.86 0.78 23.33
CA PHE B 42 3.00 -0.06 22.52
C PHE B 42 1.68 0.66 22.23
N PRO B 43 1.34 0.83 20.94
CA PRO B 43 0.21 1.68 20.54
C PRO B 43 -1.15 1.02 20.73
N LEU B 44 -1.45 0.61 21.95
CA LEU B 44 -2.79 0.16 22.33
C LEU B 44 -3.50 1.39 22.90
N LEU B 45 -4.59 1.84 22.26
CA LEU B 45 -5.15 3.15 22.62
C LEU B 45 -5.50 3.24 24.10
N THR B 46 -5.29 4.42 24.69
CA THR B 46 -5.70 4.63 26.08
C THR B 46 -6.96 5.49 26.21
N THR B 47 -7.42 6.05 25.10
CA THR B 47 -8.61 6.91 25.11
C THR B 47 -9.93 6.11 25.15
N LYS B 48 -9.83 4.80 24.93
CA LYS B 48 -10.91 3.86 25.27
C LYS B 48 -10.26 2.53 25.58
N LYS B 49 -10.95 1.69 26.34
CA LYS B 49 -10.40 0.38 26.65
C LYS B 49 -10.55 -0.55 25.47
N VAL B 50 -9.43 -0.94 24.87
CA VAL B 50 -9.47 -1.83 23.72
C VAL B 50 -9.33 -3.27 24.18
N HIS B 51 -10.13 -4.17 23.61
CA HIS B 51 -10.11 -5.58 24.00
C HIS B 51 -8.90 -6.30 23.38
N PHE B 52 -7.73 -6.09 23.98
CA PHE B 52 -6.51 -6.63 23.43
C PHE B 52 -6.51 -8.16 23.34
N LYS B 53 -7.26 -8.81 24.23
CA LYS B 53 -7.43 -10.27 24.12
C LYS B 53 -7.86 -10.68 22.71
N SER B 54 -8.87 -9.99 22.14
CA SER B 54 -9.33 -10.34 20.80
C SER B 54 -8.27 -10.00 19.74
N VAL B 55 -7.58 -8.88 19.92
CA VAL B 55 -6.51 -8.49 19.02
C VAL B 55 -5.45 -9.58 18.94
N ALA B 56 -5.00 -10.02 20.10
CA ALA B 56 -3.90 -10.98 20.21
C ALA B 56 -4.30 -12.34 19.63
N TYR B 57 -5.46 -12.85 20.03
CA TYR B 57 -5.90 -14.15 19.47
C TYR B 57 -6.14 -14.08 17.96
N GLU B 58 -6.68 -12.97 17.48
CA GLU B 58 -6.93 -12.83 16.04
C GLU B 58 -5.60 -12.96 15.30
N LEU B 59 -4.58 -12.27 15.80
CA LEU B 59 -3.26 -12.36 15.16
C LEU B 59 -2.67 -13.77 15.25
N LEU B 60 -2.80 -14.41 16.41
CA LEU B 60 -2.33 -15.80 16.55
C LEU B 60 -3.07 -16.71 15.56
N TRP B 61 -4.35 -16.44 15.39
CA TRP B 61 -5.21 -17.16 14.45
C TRP B 61 -4.73 -16.97 13.01
N PHE B 62 -4.42 -15.73 12.62
CA PHE B 62 -3.80 -15.47 11.31
C PHE B 62 -2.52 -16.28 11.15
N LEU B 63 -1.65 -16.24 12.16
CA LEU B 63 -0.36 -16.93 12.06
C LEU B 63 -0.50 -18.44 11.96
N ARG B 64 -1.62 -18.98 12.46
CA ARG B 64 -1.93 -20.40 12.29
C ARG B 64 -2.34 -20.76 10.86
N GLY B 65 -2.64 -19.75 10.03
CA GLY B 65 -3.14 -19.99 8.69
C GLY B 65 -4.57 -20.48 8.69
N ASP B 66 -5.31 -20.13 9.73
CA ASP B 66 -6.66 -20.62 9.94
C ASP B 66 -7.65 -19.64 9.32
N SER B 67 -8.79 -20.15 8.85
CA SER B 67 -9.83 -19.29 8.32
C SER B 67 -11.21 -19.67 8.86
N ASN B 68 -11.25 -20.60 9.79
CA ASN B 68 -12.49 -20.97 10.45
C ASN B 68 -12.54 -20.35 11.84
N ILE B 69 -13.69 -19.81 12.24
CA ILE B 69 -13.76 -19.07 13.51
C ILE B 69 -13.74 -19.96 14.75
N GLY B 70 -13.78 -21.28 14.59
CA GLY B 70 -13.80 -22.20 15.72
C GLY B 70 -12.74 -21.93 16.77
N TRP B 71 -11.49 -21.82 16.33
CA TRP B 71 -10.37 -21.59 17.23
C TRP B 71 -10.52 -20.26 17.98
N LEU B 72 -11.09 -19.25 17.31
CA LEU B 72 -11.39 -17.99 17.98
C LEU B 72 -12.42 -18.17 19.08
N HIS B 73 -13.50 -18.89 18.77
CA HIS B 73 -14.54 -19.16 19.74
C HIS B 73 -14.02 -19.94 20.95
N GLU B 74 -13.13 -20.90 20.71
CA GLU B 74 -12.58 -21.69 21.80
C GLU B 74 -11.84 -20.79 22.77
N HIS B 75 -11.34 -19.67 22.26
CA HIS B 75 -10.65 -18.72 23.11
C HIS B 75 -11.46 -17.46 23.46
N GLY B 76 -12.78 -17.54 23.27
CA GLY B 76 -13.67 -16.47 23.69
C GLY B 76 -13.69 -15.22 22.81
N VAL B 77 -13.30 -15.37 21.55
CA VAL B 77 -13.24 -14.23 20.60
C VAL B 77 -14.33 -14.32 19.53
N THR B 78 -15.17 -13.29 19.46
CA THR B 78 -16.33 -13.30 18.59
C THR B 78 -16.30 -12.26 17.45
N ILE B 79 -15.17 -11.60 17.26
CA ILE B 79 -15.13 -10.49 16.31
C ILE B 79 -15.37 -10.85 14.84
N TRP B 80 -15.26 -12.12 14.48
CA TRP B 80 -15.48 -12.51 13.09
C TRP B 80 -16.82 -13.21 12.84
N ASP B 81 -17.67 -13.24 13.86
CA ASP B 81 -18.91 -14.02 13.79
C ASP B 81 -19.83 -13.63 12.64
N GLU B 82 -19.99 -12.32 12.39
CA GLU B 82 -21.00 -11.84 11.47
C GLU B 82 -20.80 -12.20 9.99
N TRP B 83 -19.60 -12.64 9.62
CA TRP B 83 -19.31 -12.93 8.21
C TRP B 83 -19.09 -14.41 7.92
N ALA B 84 -19.05 -15.23 8.97
CA ALA B 84 -18.73 -16.65 8.81
C ALA B 84 -19.93 -17.46 8.34
N SER B 85 -19.68 -18.54 7.61
CA SER B 85 -20.73 -19.46 7.21
C SER B 85 -21.29 -20.18 8.45
N ASP B 86 -22.34 -20.98 8.24
CA ASP B 86 -22.95 -21.73 9.35
CA ASP B 86 -22.94 -21.72 9.35
C ASP B 86 -21.98 -22.75 9.95
N THR B 87 -20.94 -23.10 9.20
CA THR B 87 -19.93 -24.02 9.69
C THR B 87 -18.67 -23.28 10.19
N GLY B 88 -18.73 -21.96 10.18
CA GLY B 88 -17.67 -21.13 10.73
C GLY B 88 -16.62 -20.69 9.73
N GLU B 89 -16.84 -20.95 8.45
CA GLU B 89 -15.83 -20.68 7.42
C GLU B 89 -15.88 -19.24 6.93
N LEU B 90 -14.71 -18.68 6.59
CA LEU B 90 -14.62 -17.32 6.07
C LEU B 90 -14.00 -17.30 4.68
N GLY B 91 -13.59 -18.47 4.20
CA GLY B 91 -12.92 -18.53 2.91
C GLY B 91 -11.45 -18.23 3.12
N PRO B 92 -10.69 -18.13 2.02
CA PRO B 92 -9.23 -18.06 2.10
C PRO B 92 -8.70 -16.66 2.45
N ILE B 93 -9.01 -16.19 3.65
CA ILE B 93 -8.66 -14.82 4.05
C ILE B 93 -7.24 -14.72 4.61
N TYR B 94 -6.98 -13.65 5.34
CA TYR B 94 -5.62 -13.28 5.77
C TYR B 94 -4.68 -14.45 6.06
N GLY B 95 -5.04 -15.25 7.05
CA GLY B 95 -4.16 -16.31 7.52
C GLY B 95 -3.79 -17.29 6.42
N VAL B 96 -4.78 -17.66 5.61
CA VAL B 96 -4.55 -18.61 4.53
C VAL B 96 -3.57 -18.03 3.51
N GLN B 97 -3.72 -16.76 3.18
CA GLN B 97 -2.80 -16.14 2.22
C GLN B 97 -1.41 -15.92 2.82
N TRP B 98 -1.35 -15.52 4.08
CA TRP B 98 -0.07 -15.28 4.76
C TRP B 98 0.80 -16.54 4.80
N ARG B 99 0.18 -17.69 5.12
CA ARG B 99 0.92 -18.92 5.39
C ARG B 99 0.95 -19.90 4.23
N SER B 100 -0.01 -19.78 3.32
CA SER B 100 -0.20 -20.80 2.30
C SER B 100 -0.85 -20.27 1.03
N TRP B 101 -0.28 -19.20 0.48
CA TRP B 101 -0.72 -18.66 -0.80
C TRP B 101 -0.48 -19.73 -1.85
N PRO B 102 -1.52 -20.13 -2.57
CA PRO B 102 -1.35 -21.22 -3.55
C PRO B 102 -0.65 -20.74 -4.80
N ALA B 103 0.51 -21.32 -5.10
CA ALA B 103 1.27 -20.99 -6.31
C ALA B 103 0.76 -21.81 -7.50
N PRO B 104 0.98 -21.31 -8.72
CA PRO B 104 0.55 -22.01 -9.94
C PRO B 104 1.12 -23.42 -10.05
N SER B 105 2.18 -23.71 -9.30
CA SER B 105 2.84 -25.01 -9.37
C SER B 105 2.19 -26.03 -8.45
N GLY B 106 1.18 -25.60 -7.71
CA GLY B 106 0.54 -26.45 -6.72
C GLY B 106 1.14 -26.26 -5.34
N GLU B 107 2.35 -25.71 -5.28
CA GLU B 107 3.00 -25.44 -4.00
C GLU B 107 2.30 -24.29 -3.27
N HIS B 108 2.45 -24.25 -1.96
CA HIS B 108 1.91 -23.15 -1.18
C HIS B 108 3.04 -22.30 -0.60
N ILE B 109 2.86 -20.98 -0.64
CA ILE B 109 3.92 -20.07 -0.25
CA ILE B 109 3.93 -20.09 -0.23
C ILE B 109 3.69 -19.48 1.15
N ASP B 110 4.64 -19.73 2.04
CA ASP B 110 4.59 -19.21 3.41
C ASP B 110 5.30 -17.86 3.42
N GLN B 111 4.53 -16.79 3.25
CA GLN B 111 5.12 -15.46 3.15
C GLN B 111 5.71 -14.99 4.48
N ILE B 112 5.15 -15.46 5.58
CA ILE B 112 5.65 -15.04 6.88
C ILE B 112 7.05 -15.58 7.11
N SER B 113 7.22 -16.87 6.86
CA SER B 113 8.53 -17.48 6.96
C SER B 113 9.51 -16.86 5.97
N ALA B 114 9.03 -16.57 4.76
CA ALA B 114 9.90 -16.00 3.74
C ALA B 114 10.40 -14.63 4.17
N ALA B 115 9.50 -13.82 4.74
CA ALA B 115 9.86 -12.49 5.20
C ALA B 115 10.88 -12.57 6.34
N LEU B 116 10.67 -13.50 7.26
CA LEU B 116 11.60 -13.70 8.37
C LEU B 116 12.99 -14.10 7.86
N ASP B 117 13.02 -14.99 6.86
CA ASP B 117 14.27 -15.40 6.23
CA ASP B 117 14.27 -15.40 6.25
C ASP B 117 15.02 -14.19 5.69
N LEU B 118 14.31 -13.29 5.02
CA LEU B 118 14.95 -12.10 4.47
C LEU B 118 15.47 -11.19 5.58
N LEU B 119 14.69 -11.04 6.64
CA LEU B 119 15.08 -10.19 7.74
C LEU B 119 16.39 -10.70 8.32
N ARG B 120 16.52 -12.02 8.41
CA ARG B 120 17.71 -12.65 8.99
C ARG B 120 18.92 -12.63 8.06
N THR B 121 18.68 -12.84 6.76
CA THR B 121 19.79 -13.03 5.81
C THR B 121 20.04 -11.91 4.81
N ASP B 122 19.07 -11.03 4.62
CA ASP B 122 19.22 -9.92 3.67
C ASP B 122 18.37 -8.73 4.10
N PRO B 123 18.69 -8.16 5.28
CA PRO B 123 17.87 -7.12 5.92
C PRO B 123 17.69 -5.90 5.03
N ASP B 124 18.64 -5.68 4.11
CA ASP B 124 18.54 -4.51 3.23
C ASP B 124 17.64 -4.72 2.02
N SER B 125 17.10 -5.93 1.87
CA SER B 125 16.18 -6.21 0.78
C SER B 125 15.01 -5.22 0.74
N ARG B 126 14.63 -4.83 -0.46
CA ARG B 126 13.49 -3.94 -0.63
C ARG B 126 12.25 -4.75 -1.04
N ARG B 127 12.32 -6.06 -0.83
CA ARG B 127 11.30 -7.01 -1.27
C ARG B 127 10.69 -7.80 -0.10
N ILE B 128 10.83 -7.29 1.12
CA ILE B 128 10.30 -8.00 2.27
C ILE B 128 8.82 -7.66 2.39
N ILE B 129 8.01 -8.44 1.68
CA ILE B 129 6.62 -8.09 1.41
C ILE B 129 5.72 -9.25 1.77
N VAL B 130 4.59 -8.95 2.37
CA VAL B 130 3.51 -9.92 2.55
C VAL B 130 2.22 -9.34 1.97
N SER B 131 1.56 -10.11 1.12
CA SER B 131 0.29 -9.68 0.57
C SER B 131 -0.83 -10.66 0.84
N ALA B 132 -1.99 -10.14 1.22
CA ALA B 132 -3.18 -10.96 1.37
C ALA B 132 -4.10 -10.80 0.16
N TRP B 133 -3.76 -9.87 -0.74
CA TRP B 133 -4.62 -9.57 -1.88
C TRP B 133 -4.39 -10.55 -3.01
N ASN B 134 -4.94 -11.74 -2.84
CA ASN B 134 -4.84 -12.77 -3.87
C ASN B 134 -6.02 -12.61 -4.80
N VAL B 135 -5.77 -11.93 -5.91
CA VAL B 135 -6.80 -11.53 -6.84
C VAL B 135 -7.69 -12.69 -7.27
N GLY B 136 -7.08 -13.85 -7.50
CA GLY B 136 -7.82 -14.99 -8.00
C GLY B 136 -8.71 -15.66 -6.95
N GLU B 137 -8.56 -15.25 -5.69
CA GLU B 137 -9.28 -15.90 -4.61
C GLU B 137 -10.22 -14.95 -3.87
N ILE B 138 -10.20 -13.67 -4.24
CA ILE B 138 -11.02 -12.67 -3.55
C ILE B 138 -12.50 -13.08 -3.49
N GLU B 139 -13.03 -13.59 -4.60
CA GLU B 139 -14.45 -13.90 -4.64
C GLU B 139 -14.86 -15.03 -3.69
N ARG B 140 -13.89 -15.82 -3.23
CA ARG B 140 -14.17 -16.89 -2.28
C ARG B 140 -14.12 -16.43 -0.83
N MET B 141 -13.66 -15.20 -0.60
CA MET B 141 -13.48 -14.71 0.75
C MET B 141 -14.75 -14.02 1.25
N ALA B 142 -15.08 -14.22 2.51
CA ALA B 142 -16.28 -13.60 3.08
C ALA B 142 -16.20 -12.07 3.04
N LEU B 143 -15.00 -11.55 3.26
CA LEU B 143 -14.69 -10.14 3.03
C LEU B 143 -13.30 -10.09 2.42
N PRO B 144 -13.09 -9.22 1.41
CA PRO B 144 -11.73 -9.08 0.89
C PRO B 144 -10.83 -8.45 1.96
N PRO B 145 -9.51 -8.70 1.90
CA PRO B 145 -8.61 -8.19 2.95
C PRO B 145 -8.72 -6.67 3.08
N CYS B 146 -8.83 -6.18 4.31
CA CYS B 146 -8.77 -4.75 4.58
C CYS B 146 -7.32 -4.34 4.77
N HIS B 147 -6.67 -4.97 5.75
CA HIS B 147 -5.22 -4.82 5.87
C HIS B 147 -4.60 -5.75 4.82
N ALA B 148 -4.22 -5.18 3.68
CA ALA B 148 -4.03 -5.95 2.46
C ALA B 148 -2.60 -6.31 2.07
N PHE B 149 -1.67 -5.43 2.43
CA PHE B 149 -0.33 -5.45 1.84
C PHE B 149 0.60 -4.80 2.84
N PHE B 150 1.66 -5.49 3.24
CA PHE B 150 2.60 -4.86 4.15
C PHE B 150 4.06 -5.15 3.85
N GLN B 151 4.95 -4.31 4.39
CA GLN B 151 6.36 -4.37 4.05
C GLN B 151 7.20 -4.14 5.29
N PHE B 152 8.34 -4.83 5.37
CA PHE B 152 9.29 -4.61 6.45
C PHE B 152 10.53 -3.92 5.93
N TYR B 153 11.22 -3.23 6.83
CA TYR B 153 12.41 -2.45 6.50
C TYR B 153 13.33 -2.52 7.70
N VAL B 154 14.64 -2.57 7.45
CA VAL B 154 15.59 -2.64 8.55
C VAL B 154 16.65 -1.58 8.41
N ALA B 155 16.81 -0.77 9.44
CA ALA B 155 17.86 0.25 9.49
C ALA B 155 18.63 0.14 10.79
N ASP B 156 19.92 -0.12 10.71
CA ASP B 156 20.75 -0.23 11.91
C ASP B 156 20.13 -1.19 12.92
N GLY B 157 19.77 -2.38 12.44
CA GLY B 157 19.24 -3.42 13.32
C GLY B 157 17.89 -3.13 13.94
N ARG B 158 17.18 -2.15 13.37
CA ARG B 158 15.87 -1.75 13.88
C ARG B 158 14.79 -2.02 12.83
N LEU B 159 13.72 -2.71 13.25
CA LEU B 159 12.68 -3.18 12.33
C LEU B 159 11.48 -2.24 12.24
N SER B 160 11.19 -1.77 11.03
CA SER B 160 9.99 -0.99 10.77
C SER B 160 9.03 -1.81 9.91
N CYS B 161 7.76 -1.43 9.96
CA CYS B 161 6.73 -2.12 9.20
C CYS B 161 5.78 -1.06 8.65
N GLN B 162 5.45 -1.17 7.37
CA GLN B 162 4.41 -0.33 6.79
C GLN B 162 3.26 -1.17 6.26
N LEU B 163 2.04 -0.79 6.64
CA LEU B 163 0.84 -1.48 6.20
C LEU B 163 0.04 -0.61 5.24
N TYR B 164 -0.39 -1.20 4.13
CA TYR B 164 -1.43 -0.57 3.30
C TYR B 164 -2.78 -1.20 3.61
N GLN B 165 -3.69 -0.40 4.16
CA GLN B 165 -5.04 -0.86 4.50
C GLN B 165 -6.05 -0.16 3.60
N ARG B 166 -6.67 -0.92 2.69
CA ARG B 166 -7.54 -0.32 1.66
C ARG B 166 -8.83 0.28 2.21
N SER B 167 -9.29 -0.26 3.35
CA SER B 167 -10.56 0.13 3.91
C SER B 167 -10.43 0.12 5.42
N ALA B 168 -10.84 1.22 6.05
CA ALA B 168 -10.55 1.44 7.45
C ALA B 168 -11.77 1.94 8.21
N ASP B 169 -12.38 1.03 8.97
CA ASP B 169 -13.45 1.35 9.92
C ASP B 169 -12.75 2.02 11.10
N LEU B 170 -12.74 3.36 11.10
CA LEU B 170 -11.86 4.07 12.02
C LEU B 170 -12.16 3.81 13.49
N PHE B 171 -13.43 3.81 13.86
CA PHE B 171 -13.74 3.59 15.27
C PHE B 171 -13.55 2.14 15.78
N LEU B 172 -14.09 1.15 15.06
CA LEU B 172 -14.00 -0.22 15.55
C LEU B 172 -12.76 -0.97 15.05
N GLY B 173 -12.50 -0.90 13.75
CA GLY B 173 -11.48 -1.74 13.17
C GLY B 173 -10.05 -1.27 13.40
N VAL B 174 -9.82 0.03 13.23
CA VAL B 174 -8.43 0.53 13.17
C VAL B 174 -7.67 0.37 14.50
N PRO B 175 -8.34 0.57 15.65
CA PRO B 175 -7.60 0.35 16.89
C PRO B 175 -7.09 -1.07 16.99
N PHE B 176 -7.87 -2.03 16.49
CA PHE B 176 -7.40 -3.42 16.41
C PHE B 176 -6.24 -3.56 15.42
N ASN B 177 -6.38 -2.98 14.23
CA ASN B 177 -5.35 -3.10 13.20
C ASN B 177 -4.00 -2.56 13.68
N ILE B 178 -4.02 -1.41 14.34
CA ILE B 178 -2.79 -0.80 14.85
C ILE B 178 -2.11 -1.71 15.86
N ALA B 179 -2.86 -2.18 16.85
CA ALA B 179 -2.28 -3.04 17.87
C ALA B 179 -1.82 -4.37 17.26
N SER B 180 -2.61 -4.90 16.32
CA SER B 180 -2.25 -6.16 15.66
C SER B 180 -0.89 -6.07 14.95
N TYR B 181 -0.72 -5.07 14.09
CA TYR B 181 0.54 -4.96 13.38
C TYR B 181 1.71 -4.52 14.26
N ALA B 182 1.44 -3.75 15.31
CA ALA B 182 2.50 -3.46 16.29
C ALA B 182 2.98 -4.76 16.95
N LEU B 183 2.02 -5.60 17.33
CA LEU B 183 2.36 -6.88 17.93
C LEU B 183 3.12 -7.77 16.94
N LEU B 184 2.65 -7.85 15.69
CA LEU B 184 3.32 -8.63 14.68
C LEU B 184 4.77 -8.14 14.49
N THR B 185 4.96 -6.82 14.50
CA THR B 185 6.29 -6.27 14.29
C THR B 185 7.22 -6.65 15.44
N HIS B 186 6.70 -6.62 16.67
CA HIS B 186 7.45 -7.11 17.82
C HIS B 186 7.83 -8.57 17.67
N MET B 187 6.89 -9.39 17.22
CA MET B 187 7.16 -10.80 17.04
C MET B 187 8.24 -11.03 15.98
N MET B 188 8.11 -10.37 14.83
CA MET B 188 9.12 -10.50 13.78
C MET B 188 10.49 -10.01 14.24
N ALA B 189 10.51 -8.89 14.96
CA ALA B 189 11.77 -8.33 15.43
C ALA B 189 12.45 -9.30 16.39
N ALA B 190 11.66 -9.88 17.30
CA ALA B 190 12.21 -10.84 18.26
C ALA B 190 12.81 -12.04 17.54
N GLN B 191 12.10 -12.56 16.54
CA GLN B 191 12.57 -13.75 15.81
C GLN B 191 13.76 -13.47 14.90
N ALA B 192 13.93 -12.21 14.52
CA ALA B 192 15.03 -11.83 13.63
C ALA B 192 16.23 -11.21 14.38
N GLY B 193 16.10 -11.10 15.69
CA GLY B 193 17.12 -10.50 16.56
C GLY B 193 17.29 -9.00 16.35
N LEU B 194 16.18 -8.32 16.07
CA LEU B 194 16.19 -6.89 15.82
C LEU B 194 15.43 -6.16 16.93
N SER B 195 15.64 -4.86 17.04
CA SER B 195 14.83 -4.02 17.92
C SER B 195 13.68 -3.46 17.08
N VAL B 196 12.69 -2.85 17.72
CA VAL B 196 11.55 -2.30 16.97
C VAL B 196 11.73 -0.82 16.63
N GLY B 197 11.27 -0.45 15.45
CA GLY B 197 11.36 0.92 14.99
C GLY B 197 9.99 1.51 14.81
N GLU B 198 9.65 1.84 13.56
CA GLU B 198 8.40 2.53 13.27
C GLU B 198 7.35 1.60 12.72
N PHE B 199 6.09 1.82 13.13
CA PHE B 199 4.95 1.30 12.38
C PHE B 199 4.27 2.43 11.62
N ILE B 200 4.20 2.29 10.29
CA ILE B 200 3.55 3.27 9.43
C ILE B 200 2.26 2.68 8.90
N TRP B 201 1.15 3.34 9.18
CA TRP B 201 -0.16 2.87 8.75
C TRP B 201 -0.62 3.77 7.63
N THR B 202 -0.91 3.17 6.48
CA THR B 202 -1.38 3.93 5.32
C THR B 202 -2.73 3.42 4.89
N GLY B 203 -3.73 4.31 4.90
CA GLY B 203 -5.09 3.91 4.58
C GLY B 203 -5.61 4.41 3.26
N GLY B 204 -6.46 3.60 2.64
CA GLY B 204 -7.24 4.02 1.48
C GLY B 204 -8.48 4.76 1.93
N ASP B 205 -9.63 4.08 1.90
CA ASP B 205 -10.90 4.69 2.32
C ASP B 205 -10.95 4.66 3.84
N CYS B 206 -10.70 5.83 4.43
CA CYS B 206 -10.66 5.97 5.88
C CYS B 206 -11.99 6.56 6.33
N HIS B 207 -12.82 5.76 7.00
CA HIS B 207 -14.19 6.19 7.27
C HIS B 207 -14.61 6.03 8.72
N ILE B 208 -15.50 6.93 9.14
CA ILE B 208 -16.24 6.76 10.39
C ILE B 208 -17.69 6.43 10.05
N TYR B 209 -18.18 5.30 10.56
CA TYR B 209 -19.57 4.92 10.32
C TYR B 209 -20.52 5.92 10.99
N ASP B 210 -21.64 6.21 10.32
CA ASP B 210 -22.61 7.18 10.82
C ASP B 210 -23.17 6.81 12.19
N ASN B 211 -23.22 5.52 12.53
CA ASN B 211 -23.64 5.13 13.89
C ASN B 211 -22.48 4.98 14.90
N HIS B 212 -21.35 5.61 14.60
CA HIS B 212 -20.19 5.65 15.52
C HIS B 212 -19.87 7.09 15.90
N VAL B 213 -20.64 8.04 15.38
CA VAL B 213 -20.30 9.45 15.54
C VAL B 213 -20.30 9.90 17.01
N GLU B 214 -21.34 9.52 17.75
CA GLU B 214 -21.40 9.90 19.16
CA GLU B 214 -21.43 9.83 19.18
C GLU B 214 -20.24 9.29 19.96
N GLN B 215 -19.91 8.04 19.64
CA GLN B 215 -18.82 7.35 20.32
C GLN B 215 -17.48 8.02 20.04
N VAL B 216 -17.30 8.44 18.78
CA VAL B 216 -16.10 9.14 18.40
C VAL B 216 -15.97 10.46 19.16
N ARG B 217 -17.05 11.24 19.22
CA ARG B 217 -16.98 12.52 19.92
C ARG B 217 -16.60 12.31 21.38
N LEU B 218 -17.17 11.26 21.99
CA LEU B 218 -16.86 10.94 23.38
C LEU B 218 -15.37 10.63 23.57
N GLN B 219 -14.85 9.74 22.73
CA GLN B 219 -13.45 9.37 22.80
C GLN B 219 -12.52 10.58 22.62
N LEU B 220 -12.88 11.46 21.69
CA LEU B 220 -12.04 12.63 21.39
C LEU B 220 -12.07 13.66 22.51
N SER B 221 -12.99 13.51 23.46
CA SER B 221 -13.07 14.42 24.60
C SER B 221 -12.10 14.02 25.71
N ARG B 222 -11.47 12.87 25.56
CA ARG B 222 -10.66 12.31 26.65
C ARG B 222 -9.18 12.60 26.50
N GLU B 223 -8.51 12.80 27.63
CA GLU B 223 -7.08 13.07 27.62
C GLU B 223 -6.29 11.75 27.53
N PRO B 224 -5.40 11.64 26.53
CA PRO B 224 -4.60 10.41 26.40
C PRO B 224 -3.68 10.18 27.60
N ARG B 225 -3.39 8.92 27.88
CA ARG B 225 -2.49 8.55 28.95
C ARG B 225 -1.25 7.89 28.37
N PRO B 226 -0.23 7.65 29.19
CA PRO B 226 0.96 6.96 28.69
C PRO B 226 0.62 5.60 28.08
N TYR B 227 1.29 5.21 27.01
CA TYR B 227 1.07 3.90 26.39
C TYR B 227 1.67 2.82 27.26
N PRO B 228 1.13 1.60 27.16
CA PRO B 228 1.71 0.46 27.89
C PRO B 228 2.99 -0.03 27.20
N LYS B 229 3.68 -0.99 27.82
CA LYS B 229 4.83 -1.65 27.22
C LYS B 229 4.47 -3.10 26.90
N LEU B 230 4.98 -3.60 25.78
CA LEU B 230 4.76 -4.99 25.40
C LEU B 230 5.95 -5.86 25.78
N LEU B 231 5.66 -6.97 26.45
CA LEU B 231 6.67 -7.96 26.78
C LEU B 231 6.31 -9.30 26.13
N LEU B 232 7.21 -9.82 25.32
CA LEU B 232 7.03 -11.11 24.66
C LEU B 232 7.97 -12.13 25.25
N ALA B 233 7.43 -13.26 25.70
CA ALA B 233 8.26 -14.34 26.21
C ALA B 233 9.09 -14.92 25.08
N ASP B 234 10.20 -15.56 25.41
CA ASP B 234 11.07 -16.19 24.42
C ASP B 234 10.40 -17.38 23.76
N ARG B 235 10.52 -17.48 22.44
CA ARG B 235 10.12 -18.66 21.68
C ARG B 235 11.12 -18.83 20.54
N ASP B 236 11.26 -20.06 20.05
CA ASP B 236 12.21 -20.36 18.99
C ASP B 236 11.59 -20.16 17.61
N SER B 237 10.30 -19.88 17.56
CA SER B 237 9.59 -19.73 16.29
C SER B 237 8.39 -18.81 16.47
N ILE B 238 8.10 -17.99 15.46
CA ILE B 238 6.93 -17.11 15.54
C ILE B 238 5.65 -17.93 15.70
N PHE B 239 5.64 -19.14 15.14
CA PHE B 239 4.44 -19.96 15.15
C PHE B 239 4.24 -20.69 16.47
N GLU B 240 5.18 -20.50 17.39
CA GLU B 240 5.10 -21.08 18.72
C GLU B 240 4.71 -20.08 19.79
N TYR B 241 4.53 -18.80 19.42
CA TYR B 241 3.98 -17.86 20.40
C TYR B 241 2.58 -18.29 20.80
N THR B 242 2.28 -18.11 22.09
CA THR B 242 0.93 -18.35 22.59
C THR B 242 0.40 -17.07 23.19
N TYR B 243 -0.88 -17.05 23.50
CA TYR B 243 -1.47 -15.88 24.13
C TYR B 243 -0.73 -15.54 25.44
N GLU B 244 -0.39 -16.57 26.20
CA GLU B 244 0.24 -16.37 27.50
C GLU B 244 1.62 -15.72 27.41
N ASP B 245 2.24 -15.82 26.24
CA ASP B 245 3.56 -15.21 26.00
C ASP B 245 3.49 -13.69 25.87
N ILE B 246 2.29 -13.16 25.70
CA ILE B 246 2.11 -11.78 25.32
C ILE B 246 1.60 -10.97 26.51
N VAL B 247 2.47 -10.13 27.07
CA VAL B 247 2.08 -9.35 28.25
C VAL B 247 2.10 -7.86 27.96
N VAL B 248 0.99 -7.20 28.26
CA VAL B 248 0.93 -5.76 28.15
C VAL B 248 1.08 -5.19 29.55
N LYS B 249 2.12 -4.38 29.75
CA LYS B 249 2.40 -3.84 31.08
C LYS B 249 1.88 -2.41 31.24
N ASN B 250 1.24 -2.16 32.37
CA ASN B 250 0.77 -0.81 32.68
C ASN B 250 -0.18 -0.21 31.63
N TYR B 251 -1.11 -1.02 31.15
CA TYR B 251 -2.19 -0.53 30.30
C TYR B 251 -3.24 0.12 31.18
N ASP B 252 -3.46 1.41 31.01
CA ASP B 252 -4.36 2.17 31.89
C ASP B 252 -5.35 3.03 31.09
N PRO B 253 -6.29 2.38 30.39
CA PRO B 253 -7.21 3.11 29.50
C PRO B 253 -8.38 3.78 30.22
N HIS B 254 -8.96 4.76 29.54
CA HIS B 254 -10.29 5.26 29.89
C HIS B 254 -11.30 4.14 29.62
N PRO B 255 -12.56 4.32 30.04
CA PRO B 255 -13.56 3.26 29.87
C PRO B 255 -13.80 2.84 28.42
N ALA B 256 -14.15 1.56 28.26
CA ALA B 256 -14.62 1.05 26.97
C ALA B 256 -15.81 1.84 26.44
N ILE B 257 -15.87 1.99 25.12
CA ILE B 257 -16.98 2.63 24.45
C ILE B 257 -17.54 1.65 23.42
N LYS B 258 -18.77 1.16 23.65
CA LYS B 258 -19.38 0.19 22.75
C LYS B 258 -19.97 0.85 21.49
N ALA B 259 -19.88 0.14 20.37
CA ALA B 259 -20.52 0.57 19.13
C ALA B 259 -20.89 -0.65 18.29
N PRO B 260 -21.97 -0.54 17.50
CA PRO B 260 -22.40 -1.64 16.64
C PRO B 260 -21.50 -1.77 15.41
N VAL B 261 -21.20 -3.00 14.99
CA VAL B 261 -20.39 -3.23 13.79
C VAL B 261 -21.25 -3.23 12.52
N ALA B 262 -20.73 -2.67 11.43
CA ALA B 262 -21.43 -2.66 10.15
C ALA B 262 -21.12 -3.95 9.38
N VAL B 263 -22.16 -4.65 8.95
N VAL B 263 -22.16 -4.66 8.95
CA VAL B 263 -22.02 -5.98 8.36
CA VAL B 263 -21.99 -6.00 8.40
C VAL B 263 -22.07 -5.96 6.82
C VAL B 263 -22.00 -6.04 6.87
#